data_8X2W
#
_entry.id   8X2W
#
_cell.length_a   37.320
_cell.length_b   69.590
_cell.length_c   70.220
_cell.angle_alpha   90.000
_cell.angle_beta   90.000
_cell.angle_gamma   90.000
#
_symmetry.space_group_name_H-M   'P 2 21 21'
#
loop_
_entity.id
_entity.type
_entity.pdbx_description
1 polymer 'the ancestral GH19 chitinase, Anc4+LoopII (P12K/N13H/S58T/N193G/Y194F/D197R)'
2 water water
#
_entity_poly.entity_id   1
_entity_poly.type   'polypeptide(L)'
_entity_poly.pdbx_seq_one_letter_code
;MVSRSMFDQLFKHRNSFYTYDAFIAAAKSFPSFGTTGDTDVRKREIAAFFAHVSHETTGGWPTAPDGPYAWGLVYIEEIN
QSNDYCDPSTQYPCAPGKQYYGRGPLQLSWNYNYGPCGDALGLDLLNNPDLVAQDPVIAFKTALWFWMTPQSPKPSCHDV
MTGNWTPSSADLAAGRVPGFGVTTNIINGGLECGKGNPAQAENRVGFYKRFCNQLGVSPGSNLDCANMRPFG
;
_entity_poly.pdbx_strand_id   A
#
# COMPACT_ATOMS: atom_id res chain seq x y z
N MET A 1 1.03 -9.38 15.40
CA MET A 1 1.79 -8.80 14.29
C MET A 1 2.32 -9.85 13.30
N VAL A 2 3.64 -9.88 13.12
CA VAL A 2 4.29 -10.89 12.28
C VAL A 2 5.73 -11.02 12.76
N SER A 3 6.24 -12.24 12.77
CA SER A 3 7.53 -12.45 13.41
C SER A 3 8.66 -12.03 12.46
N ARG A 4 9.85 -11.85 13.05
CA ARG A 4 11.00 -11.47 12.24
C ARG A 4 11.29 -12.51 11.18
N SER A 5 11.24 -13.80 11.54
CA SER A 5 11.57 -14.83 10.55
C SER A 5 10.55 -14.87 9.41
N MET A 6 9.29 -14.54 9.68
CA MET A 6 8.30 -14.55 8.61
C MET A 6 8.47 -13.30 7.73
N PHE A 7 8.75 -12.14 8.32
CA PHE A 7 9.08 -10.96 7.52
C PHE A 7 10.26 -11.25 6.61
N ASP A 8 11.28 -11.93 7.13
CA ASP A 8 12.47 -12.26 6.33
C ASP A 8 12.18 -13.34 5.29
N GLN A 9 11.12 -14.13 5.46
CA GLN A 9 10.68 -15.04 4.42
C GLN A 9 9.89 -14.32 3.33
N LEU A 10 8.96 -13.46 3.71
CA LEU A 10 8.21 -12.69 2.73
C LEU A 10 9.10 -11.78 1.91
N PHE A 11 10.12 -11.21 2.54
CA PHE A 11 10.96 -10.18 1.95
C PHE A 11 12.42 -10.64 1.98
N LYS A 12 12.66 -11.82 1.38
CA LYS A 12 13.96 -12.49 1.41
C LYS A 12 15.03 -11.72 0.64
N HIS A 13 14.65 -10.86 -0.31
CA HIS A 13 15.59 -10.21 -1.20
C HIS A 13 15.46 -8.71 -1.18
N ARG A 14 14.95 -8.17 -0.08
CA ARG A 14 14.66 -6.75 -0.01
C ARG A 14 15.92 -5.90 0.12
N ASN A 15 15.73 -4.61 -0.18
CA ASN A 15 16.70 -3.58 0.17
C ASN A 15 16.80 -3.49 1.70
N SER A 16 18.02 -3.65 2.23
CA SER A 16 18.18 -3.70 3.67
C SER A 16 17.81 -2.41 4.40
N PHE A 17 17.55 -1.30 3.69
CA PHE A 17 16.98 -0.10 4.31
C PHE A 17 15.74 -0.46 5.11
N TYR A 18 14.92 -1.35 4.58
CA TYR A 18 13.61 -1.65 5.17
C TYR A 18 13.73 -2.73 6.24
N THR A 19 14.19 -2.33 7.42
CA THR A 19 14.42 -3.31 8.48
C THR A 19 13.10 -3.78 9.13
N TYR A 20 13.13 -5.00 9.67
CA TYR A 20 12.00 -5.48 10.46
C TYR A 20 11.74 -4.55 11.64
N ASP A 21 12.79 -4.16 12.37
CA ASP A 21 12.56 -3.29 13.52
C ASP A 21 11.87 -1.98 13.10
N ALA A 22 12.22 -1.44 11.93
CA ALA A 22 11.56 -0.21 11.46
C ALA A 22 10.08 -0.47 11.16
N PHE A 23 9.76 -1.61 10.53
CA PHE A 23 8.36 -1.94 10.26
C PHE A 23 7.58 -2.08 11.57
N ILE A 24 8.15 -2.75 12.57
CA ILE A 24 7.47 -2.94 13.86
C ILE A 24 7.25 -1.59 14.55
N ALA A 25 8.26 -0.73 14.54
CA ALA A 25 8.11 0.58 15.17
C ALA A 25 7.00 1.40 14.50
N ALA A 26 6.96 1.36 13.17
CA ALA A 26 5.94 2.11 12.46
C ALA A 26 4.55 1.57 12.77
N ALA A 27 4.42 0.24 12.81
CA ALA A 27 3.11 -0.35 13.03
C ALA A 27 2.54 0.07 14.37
N LYS A 28 3.41 0.40 15.35
CA LYS A 28 2.90 0.84 16.65
C LYS A 28 2.22 2.20 16.59
N SER A 29 2.44 2.98 15.55
CA SER A 29 1.69 4.20 15.34
C SER A 29 0.26 3.92 14.91
N PHE A 30 -0.02 2.71 14.42
CA PHE A 30 -1.35 2.31 13.96
C PHE A 30 -1.65 0.95 14.58
N PRO A 31 -1.92 0.93 15.90
CA PRO A 31 -1.96 -0.36 16.62
C PRO A 31 -3.03 -1.33 16.14
N SER A 32 -4.08 -0.86 15.46
CA SER A 32 -5.09 -1.78 14.94
C SER A 32 -4.66 -2.51 13.66
N PHE A 33 -3.59 -2.06 13.00
CA PHE A 33 -3.13 -2.77 11.81
C PHE A 33 -2.68 -4.18 12.18
N GLY A 34 -3.22 -5.17 11.46
CA GLY A 34 -2.85 -6.56 11.66
C GLY A 34 -3.25 -7.16 12.97
N THR A 35 -4.02 -6.44 13.78
CA THR A 35 -4.46 -6.92 15.09
C THR A 35 -5.99 -6.92 15.20
N THR A 36 -6.67 -6.81 14.07
CA THR A 36 -8.12 -6.64 14.02
C THR A 36 -8.73 -7.89 13.41
N GLY A 37 -9.68 -8.50 14.12
CA GLY A 37 -10.35 -9.68 13.61
C GLY A 37 -9.70 -10.98 14.09
N ASP A 38 -10.24 -12.09 13.58
CA ASP A 38 -9.70 -13.39 13.93
C ASP A 38 -8.40 -13.63 13.16
N THR A 39 -7.81 -14.82 13.35
CA THR A 39 -6.47 -15.07 12.81
C THR A 39 -6.44 -14.98 11.29
N ASP A 40 -7.44 -15.53 10.61
CA ASP A 40 -7.47 -15.49 9.14
C ASP A 40 -7.58 -14.05 8.64
N VAL A 41 -8.42 -13.24 9.29
CA VAL A 41 -8.59 -11.85 8.88
C VAL A 41 -7.29 -11.06 9.08
N ARG A 42 -6.62 -11.27 10.21
CA ARG A 42 -5.33 -10.62 10.45
C ARG A 42 -4.33 -11.01 9.37
N LYS A 43 -4.25 -12.30 9.04
CA LYS A 43 -3.28 -12.75 8.04
C LYS A 43 -3.57 -12.16 6.67
N ARG A 44 -4.85 -12.13 6.28
CA ARG A 44 -5.20 -11.56 4.98
C ARG A 44 -4.90 -10.07 4.92
N GLU A 45 -5.14 -9.34 6.02
CA GLU A 45 -4.81 -7.91 6.00
C GLU A 45 -3.32 -7.69 5.82
N ILE A 46 -2.52 -8.45 6.54
CA ILE A 46 -1.06 -8.29 6.44
C ILE A 46 -0.60 -8.67 5.05
N ALA A 47 -1.09 -9.81 4.51
CA ALA A 47 -0.72 -10.21 3.16
C ALA A 47 -1.14 -9.16 2.13
N ALA A 48 -2.31 -8.52 2.33
CA ALA A 48 -2.82 -7.55 1.37
C ALA A 48 -1.95 -6.29 1.36
N PHE A 49 -1.66 -5.75 2.55
CA PHE A 49 -0.80 -4.58 2.64
C PHE A 49 0.57 -4.88 2.03
N PHE A 50 1.18 -6.00 2.39
CA PHE A 50 2.49 -6.34 1.84
C PHE A 50 2.43 -6.59 0.33
N ALA A 51 1.32 -7.11 -0.20
CA ALA A 51 1.19 -7.33 -1.63
C ALA A 51 1.26 -6.02 -2.38
N HIS A 52 0.49 -5.03 -1.90
CA HIS A 52 0.55 -3.73 -2.57
C HIS A 52 1.91 -3.09 -2.42
N VAL A 53 2.48 -3.14 -1.21
CA VAL A 53 3.84 -2.61 -1.02
C VAL A 53 4.79 -3.27 -2.01
N SER A 54 4.69 -4.59 -2.16
CA SER A 54 5.65 -5.28 -3.03
C SER A 54 5.45 -4.88 -4.48
N HIS A 55 4.20 -4.80 -4.92
CA HIS A 55 3.95 -4.38 -6.29
C HIS A 55 4.60 -3.05 -6.58
N GLU A 56 4.56 -2.12 -5.63
CA GLU A 56 5.08 -0.77 -5.83
C GLU A 56 6.58 -0.64 -5.67
N THR A 57 7.27 -1.67 -5.20
CA THR A 57 8.69 -1.58 -4.86
C THR A 57 9.49 -2.79 -5.39
N THR A 58 8.92 -3.59 -6.31
CA THR A 58 9.50 -4.89 -6.65
C THR A 58 10.71 -4.75 -7.59
N GLY A 59 11.75 -5.52 -7.28
CA GLY A 59 12.93 -5.66 -8.11
C GLY A 59 13.09 -7.03 -8.76
N GLY A 60 11.97 -7.71 -8.95
CA GLY A 60 12.00 -9.07 -9.45
C GLY A 60 12.19 -9.22 -10.95
N TRP A 61 12.43 -10.45 -11.37
CA TRP A 61 12.47 -10.84 -12.78
C TRP A 61 12.02 -12.29 -12.89
N PRO A 62 11.68 -12.75 -14.10
CA PRO A 62 10.95 -14.03 -14.19
C PRO A 62 11.70 -15.26 -13.69
N THR A 63 13.02 -15.29 -13.78
CA THR A 63 13.80 -16.42 -13.30
C THR A 63 14.50 -16.10 -11.98
N ALA A 64 14.04 -15.09 -11.26
CA ALA A 64 14.70 -14.72 -10.01
C ALA A 64 14.65 -15.86 -8.99
N PRO A 65 15.66 -15.96 -8.13
CA PRO A 65 15.59 -16.92 -7.02
C PRO A 65 14.33 -16.70 -6.20
N ASP A 66 13.63 -17.78 -5.87
CA ASP A 66 12.42 -17.79 -5.06
C ASP A 66 11.20 -17.26 -5.81
N GLY A 67 11.33 -16.94 -7.09
CA GLY A 67 10.20 -16.63 -7.92
C GLY A 67 9.97 -15.13 -8.07
N PRO A 68 9.10 -14.75 -9.00
CA PRO A 68 8.92 -13.33 -9.34
C PRO A 68 8.15 -12.52 -8.30
N TYR A 69 7.70 -13.12 -7.21
CA TYR A 69 7.01 -12.38 -6.14
C TYR A 69 7.84 -12.30 -4.87
N ALA A 70 9.10 -12.72 -4.92
CA ALA A 70 9.96 -12.77 -3.75
C ALA A 70 10.85 -11.55 -3.62
N TRP A 71 10.70 -10.55 -4.51
CA TRP A 71 11.61 -9.40 -4.59
C TRP A 71 10.90 -8.08 -4.28
N GLY A 72 9.96 -8.11 -3.34
CA GLY A 72 9.39 -6.87 -2.82
C GLY A 72 10.35 -6.09 -1.96
N LEU A 73 10.01 -4.81 -1.77
CA LEU A 73 10.77 -3.88 -0.93
C LEU A 73 12.22 -3.71 -1.40
N VAL A 74 12.40 -3.66 -2.72
CA VAL A 74 13.71 -3.34 -3.28
C VAL A 74 13.88 -1.84 -3.53
N TYR A 75 12.83 -1.17 -3.95
CA TYR A 75 12.87 0.24 -4.30
C TYR A 75 12.53 1.16 -3.13
N ILE A 76 13.21 2.31 -3.07
CA ILE A 76 12.93 3.38 -2.11
C ILE A 76 12.31 4.59 -2.81
N GLU A 77 13.03 5.17 -3.77
CA GLU A 77 12.57 6.36 -4.45
C GLU A 77 12.11 6.03 -5.86
N GLU A 78 11.14 6.83 -6.34
CA GLU A 78 10.81 6.79 -7.74
C GLU A 78 12.07 7.06 -8.56
N ILE A 79 12.20 6.30 -9.64
CA ILE A 79 13.41 6.34 -10.46
C ILE A 79 13.41 7.56 -11.37
N ASN A 80 12.26 7.89 -11.95
CA ASN A 80 12.03 9.06 -12.80
C ASN A 80 11.83 10.28 -11.91
N GLN A 81 12.88 11.03 -11.62
CA GLN A 81 12.69 12.17 -10.73
C GLN A 81 12.90 13.54 -11.37
N SER A 82 12.26 13.82 -12.50
CA SER A 82 12.40 15.15 -13.07
C SER A 82 11.21 16.08 -12.77
N ASN A 83 9.99 15.56 -12.75
CA ASN A 83 8.84 16.39 -12.38
C ASN A 83 8.79 16.63 -10.88
N ASP A 84 8.22 17.78 -10.50
CA ASP A 84 8.14 18.16 -9.10
C ASP A 84 6.96 17.52 -8.37
N TYR A 85 5.98 16.98 -9.10
CA TYR A 85 4.76 16.46 -8.48
C TYR A 85 4.14 17.51 -7.57
N CYS A 86 3.99 18.72 -8.11
CA CYS A 86 3.41 19.86 -7.40
C CYS A 86 2.18 20.35 -8.15
N ASP A 87 1.03 20.34 -7.47
CA ASP A 87 -0.18 21.03 -7.90
C ASP A 87 -0.42 22.18 -6.93
N PRO A 88 -0.33 23.46 -7.37
CA PRO A 88 -0.48 24.58 -6.41
C PRO A 88 -1.65 24.44 -5.45
N SER A 89 -1.40 24.79 -4.18
CA SER A 89 -2.37 24.61 -3.10
C SER A 89 -2.10 25.64 -2.02
N THR A 90 -3.17 26.24 -1.51
CA THR A 90 -3.03 27.14 -0.36
C THR A 90 -3.01 26.38 0.96
N GLN A 91 -3.54 25.16 1.00
CA GLN A 91 -3.49 24.37 2.24
C GLN A 91 -2.13 23.66 2.39
N TYR A 92 -1.58 23.14 1.29
CA TYR A 92 -0.35 22.36 1.30
C TYR A 92 0.62 22.90 0.28
N PRO A 93 1.18 24.08 0.53
CA PRO A 93 2.01 24.73 -0.50
C PRO A 93 3.30 23.97 -0.82
N CYS A 94 3.62 23.92 -2.11
CA CYS A 94 4.83 23.26 -2.56
C CYS A 94 6.05 24.03 -2.07
N ALA A 95 6.93 23.34 -1.37
CA ALA A 95 8.09 24.00 -0.76
C ALA A 95 9.09 24.38 -1.84
N PRO A 96 9.63 25.60 -1.81
CA PRO A 96 10.64 25.97 -2.81
C PRO A 96 11.78 24.96 -2.79
N GLY A 97 12.13 24.48 -3.99
CA GLY A 97 13.26 23.61 -4.17
C GLY A 97 13.04 22.16 -3.82
N LYS A 98 11.81 21.73 -3.56
CA LYS A 98 11.53 20.36 -3.16
C LYS A 98 10.68 19.68 -4.22
N GLN A 99 10.71 18.34 -4.22
CA GLN A 99 9.95 17.53 -5.17
C GLN A 99 9.18 16.47 -4.41
N TYR A 100 8.03 16.09 -4.94
CA TYR A 100 7.10 15.18 -4.28
C TYR A 100 6.90 13.89 -5.09
N TYR A 101 7.98 13.43 -5.72
CA TYR A 101 7.97 12.15 -6.42
C TYR A 101 7.83 11.00 -5.42
N GLY A 102 7.59 9.80 -5.94
CA GLY A 102 7.25 8.68 -5.07
C GLY A 102 8.39 8.29 -4.15
N ARG A 103 8.04 8.02 -2.89
CA ARG A 103 9.01 7.56 -1.89
C ARG A 103 8.35 6.55 -0.95
N GLY A 104 9.10 5.50 -0.61
CA GLY A 104 8.68 4.57 0.39
C GLY A 104 7.82 3.42 -0.11
N PRO A 105 7.34 2.59 0.81
CA PRO A 105 6.66 1.32 0.44
C PRO A 105 5.41 1.47 -0.41
N LEU A 106 4.63 2.55 -0.28
CA LEU A 106 3.49 2.77 -1.16
C LEU A 106 3.69 3.99 -2.06
N GLN A 107 4.93 4.42 -2.25
CA GLN A 107 5.25 5.45 -3.23
C GLN A 107 4.39 6.71 -3.05
N LEU A 108 4.44 7.25 -1.83
CA LEU A 108 3.75 8.49 -1.51
C LEU A 108 4.19 9.56 -2.50
N SER A 109 3.19 10.25 -3.10
CA SER A 109 3.46 11.18 -4.19
C SER A 109 2.52 12.38 -4.09
N TRP A 110 3.05 13.56 -4.49
CA TRP A 110 2.35 14.85 -4.58
C TRP A 110 2.28 15.64 -3.27
N ASN A 111 2.42 16.97 -3.38
CA ASN A 111 2.34 17.83 -2.21
C ASN A 111 1.03 17.61 -1.45
N TYR A 112 -0.07 17.35 -2.18
CA TYR A 112 -1.40 17.20 -1.57
C TYR A 112 -1.57 15.89 -0.81
N ASN A 113 -0.61 14.96 -0.91
CA ASN A 113 -0.54 13.80 -0.04
C ASN A 113 0.55 13.91 1.04
N TYR A 114 1.73 14.42 0.68
CA TYR A 114 2.76 14.63 1.70
C TYR A 114 2.26 15.55 2.82
N GLY A 115 1.48 16.57 2.47
CA GLY A 115 0.94 17.49 3.44
C GLY A 115 0.11 16.84 4.54
N PRO A 116 -1.01 16.22 4.15
CA PRO A 116 -1.86 15.60 5.17
C PRO A 116 -1.23 14.40 5.86
N CYS A 117 -0.43 13.61 5.14
CA CYS A 117 0.27 12.50 5.78
C CYS A 117 1.17 13.02 6.90
N GLY A 118 1.99 14.04 6.60
CA GLY A 118 2.84 14.62 7.63
C GLY A 118 2.06 15.18 8.80
N ASP A 119 0.98 15.92 8.51
CA ASP A 119 0.18 16.46 9.61
C ASP A 119 -0.31 15.36 10.54
N ALA A 120 -0.73 14.22 9.99
CA ALA A 120 -1.26 13.13 10.81
C ALA A 120 -0.17 12.44 11.61
N LEU A 121 1.05 12.41 11.09
CA LEU A 121 2.19 11.77 11.73
C LEU A 121 2.95 12.72 12.66
N GLY A 122 2.58 14.01 12.68
CA GLY A 122 3.34 15.00 13.43
C GLY A 122 4.70 15.30 12.85
N LEU A 123 4.84 15.17 11.53
CA LEU A 123 6.10 15.40 10.84
C LEU A 123 5.91 16.38 9.69
N ASP A 124 6.87 17.28 9.50
CA ASP A 124 6.77 18.27 8.42
C ASP A 124 7.28 17.66 7.11
N LEU A 125 6.49 16.71 6.60
CA LEU A 125 6.82 16.07 5.32
C LEU A 125 6.58 17.00 4.14
N LEU A 126 5.66 17.96 4.29
CA LEU A 126 5.46 18.93 3.22
C LEU A 126 6.72 19.72 2.94
N ASN A 127 7.41 20.15 3.99
CA ASN A 127 8.60 20.96 3.79
C ASN A 127 9.89 20.15 3.76
N ASN A 128 9.85 18.89 4.19
CA ASN A 128 11.00 18.01 4.13
C ASN A 128 10.60 16.65 3.56
N PRO A 129 10.16 16.59 2.30
CA PRO A 129 9.67 15.30 1.76
C PRO A 129 10.74 14.24 1.68
N ASP A 130 12.01 14.62 1.65
CA ASP A 130 13.08 13.63 1.61
C ASP A 130 13.16 12.80 2.90
N LEU A 131 12.52 13.24 3.98
CA LEU A 131 12.47 12.42 5.19
C LEU A 131 11.98 11.00 4.89
N VAL A 132 11.06 10.86 3.93
CA VAL A 132 10.47 9.56 3.66
C VAL A 132 11.49 8.58 3.08
N ALA A 133 12.50 9.08 2.36
CA ALA A 133 13.53 8.24 1.77
C ALA A 133 14.77 8.15 2.63
N GLN A 134 14.78 8.81 3.80
CA GLN A 134 15.92 8.84 4.73
C GLN A 134 15.79 7.86 5.89
N ASP A 135 14.57 7.63 6.35
CA ASP A 135 14.29 7.03 7.66
C ASP A 135 13.27 5.94 7.41
N PRO A 136 13.63 4.67 7.57
CA PRO A 136 12.68 3.60 7.24
C PRO A 136 11.46 3.56 8.16
N VAL A 137 11.55 4.08 9.38
CA VAL A 137 10.37 4.17 10.24
C VAL A 137 9.37 5.13 9.63
N ILE A 138 9.83 6.32 9.24
CA ILE A 138 8.97 7.27 8.52
C ILE A 138 8.45 6.64 7.24
N ALA A 139 9.31 5.97 6.48
CA ALA A 139 8.87 5.36 5.23
C ALA A 139 7.70 4.40 5.47
N PHE A 140 7.83 3.48 6.42
CA PHE A 140 6.73 2.57 6.71
C PHE A 140 5.51 3.31 7.25
N LYS A 141 5.72 4.35 8.07
CA LYS A 141 4.58 5.09 8.59
C LYS A 141 3.78 5.77 7.49
N THR A 142 4.43 6.24 6.41
CA THR A 142 3.67 6.87 5.32
C THR A 142 2.78 5.84 4.61
N ALA A 143 3.27 4.60 4.47
CA ALA A 143 2.48 3.55 3.83
C ALA A 143 1.30 3.16 4.70
N LEU A 144 1.55 2.96 6.01
CA LEU A 144 0.46 2.65 6.94
C LEU A 144 -0.55 3.80 7.03
N TRP A 145 -0.08 5.04 7.01
CA TRP A 145 -1.02 6.17 6.99
C TRP A 145 -2.00 6.01 5.83
N PHE A 146 -1.49 5.70 4.65
CA PHE A 146 -2.41 5.57 3.52
C PHE A 146 -3.40 4.43 3.74
N TRP A 147 -2.88 3.27 4.14
CA TRP A 147 -3.67 2.06 4.35
C TRP A 147 -4.76 2.25 5.40
N MET A 148 -4.50 3.09 6.44
CA MET A 148 -5.36 3.20 7.61
C MET A 148 -6.29 4.40 7.53
N THR A 149 -6.20 5.26 6.49
CA THR A 149 -6.92 6.54 6.49
C THR A 149 -8.03 6.56 5.46
N PRO A 150 -9.28 6.77 5.88
CA PRO A 150 -10.35 6.93 4.89
C PRO A 150 -10.22 8.27 4.20
N GLN A 151 -10.65 8.31 2.94
CA GLN A 151 -10.68 9.56 2.17
C GLN A 151 -12.01 9.54 1.42
N SER A 152 -13.05 10.10 2.05
CA SER A 152 -14.41 10.00 1.52
C SER A 152 -14.44 10.39 0.04
N PRO A 153 -15.13 9.61 -0.80
CA PRO A 153 -16.03 8.51 -0.43
C PRO A 153 -15.36 7.16 -0.19
N LYS A 154 -14.04 7.08 -0.22
CA LYS A 154 -13.38 5.78 -0.08
C LYS A 154 -13.21 5.44 1.39
N PRO A 155 -13.52 4.22 1.80
CA PRO A 155 -13.11 3.77 3.14
C PRO A 155 -11.60 3.52 3.17
N SER A 156 -11.08 3.25 4.36
CA SER A 156 -9.70 2.79 4.45
C SER A 156 -9.57 1.36 3.96
N CYS A 157 -8.41 1.05 3.38
CA CYS A 157 -8.13 -0.34 3.00
C CYS A 157 -8.19 -1.23 4.21
N HIS A 158 -7.74 -0.72 5.37
CA HIS A 158 -7.84 -1.46 6.62
C HIS A 158 -9.29 -1.87 6.88
N ASP A 159 -10.21 -0.92 6.80
CA ASP A 159 -11.62 -1.24 7.11
C ASP A 159 -12.19 -2.26 6.11
N VAL A 160 -11.80 -2.17 4.84
CA VAL A 160 -12.27 -3.12 3.83
C VAL A 160 -11.87 -4.54 4.20
N MET A 161 -10.58 -4.76 4.46
CA MET A 161 -10.05 -6.10 4.78
C MET A 161 -10.49 -6.66 6.10
N THR A 162 -10.94 -5.83 7.04
CA THR A 162 -11.22 -6.34 8.38
C THR A 162 -12.71 -6.42 8.70
N GLY A 163 -13.57 -6.19 7.73
CA GLY A 163 -14.99 -6.29 7.95
C GLY A 163 -15.67 -5.07 8.53
N ASN A 164 -14.97 -3.95 8.62
CA ASN A 164 -15.52 -2.71 9.17
C ASN A 164 -16.00 -1.75 8.10
N TRP A 165 -16.03 -2.18 6.84
CA TRP A 165 -16.66 -1.42 5.78
C TRP A 165 -17.74 -2.28 5.16
N THR A 166 -18.98 -1.78 5.20
CA THR A 166 -20.11 -2.43 4.54
C THR A 166 -20.47 -1.59 3.32
N PRO A 167 -20.47 -2.16 2.12
CA PRO A 167 -20.77 -1.38 0.91
C PRO A 167 -22.19 -0.86 0.91
N SER A 168 -22.35 0.32 0.31
CA SER A 168 -23.66 0.84 0.02
C SER A 168 -24.25 0.12 -1.19
N SER A 169 -25.52 0.38 -1.48
CA SER A 169 -26.15 -0.25 -2.63
C SER A 169 -25.49 0.16 -3.95
N ALA A 170 -25.03 1.42 -4.03
CA ALA A 170 -24.30 1.87 -5.21
C ALA A 170 -22.96 1.17 -5.35
N ASP A 171 -22.24 1.01 -4.23
CA ASP A 171 -21.00 0.22 -4.25
C ASP A 171 -21.26 -1.17 -4.80
N LEU A 172 -22.25 -1.87 -4.23
CA LEU A 172 -22.56 -3.21 -4.72
C LEU A 172 -22.95 -3.20 -6.20
N ALA A 173 -23.83 -2.27 -6.58
CA ALA A 173 -24.21 -2.15 -7.99
C ALA A 173 -23.00 -1.99 -8.89
N ALA A 174 -21.96 -1.32 -8.39
CA ALA A 174 -20.73 -1.11 -9.13
C ALA A 174 -19.74 -2.26 -9.01
N GLY A 175 -20.10 -3.33 -8.30
CA GLY A 175 -19.21 -4.46 -8.14
C GLY A 175 -18.21 -4.33 -7.02
N ARG A 176 -18.32 -3.29 -6.20
CA ARG A 176 -17.37 -3.04 -5.10
C ARG A 176 -17.82 -3.83 -3.87
N VAL A 177 -17.43 -5.10 -3.86
CA VAL A 177 -17.74 -6.08 -2.82
C VAL A 177 -16.48 -6.28 -2.00
N PRO A 178 -16.54 -6.31 -0.67
CA PRO A 178 -15.30 -6.36 0.14
C PRO A 178 -14.38 -7.52 -0.20
N GLY A 179 -13.10 -7.22 -0.26
CA GLY A 179 -12.09 -8.17 -0.63
C GLY A 179 -10.86 -7.43 -1.12
N PHE A 180 -9.88 -8.23 -1.58
CA PHE A 180 -8.62 -7.66 -2.05
C PHE A 180 -8.85 -6.70 -3.22
N GLY A 181 -9.75 -7.06 -4.14
CA GLY A 181 -9.98 -6.22 -5.32
C GLY A 181 -10.33 -4.77 -5.00
N VAL A 182 -11.19 -4.56 -4.00
CA VAL A 182 -11.55 -3.20 -3.61
C VAL A 182 -10.32 -2.41 -3.10
N THR A 183 -9.35 -3.07 -2.44
CA THR A 183 -8.16 -2.34 -2.01
C THR A 183 -7.36 -1.84 -3.22
N THR A 184 -7.23 -2.66 -4.27
CA THR A 184 -6.60 -2.17 -5.50
C THR A 184 -7.37 -0.98 -6.04
N ASN A 185 -8.69 -1.07 -6.04
CA ASN A 185 -9.52 0.02 -6.52
C ASN A 185 -9.25 1.31 -5.74
N ILE A 186 -9.16 1.22 -4.42
CA ILE A 186 -8.84 2.39 -3.60
C ILE A 186 -7.47 2.94 -3.93
N ILE A 187 -6.48 2.06 -4.06
CA ILE A 187 -5.11 2.52 -4.26
C ILE A 187 -4.90 3.18 -5.61
N ASN A 188 -5.43 2.58 -6.68
CA ASN A 188 -5.17 3.08 -8.04
C ASN A 188 -6.20 2.57 -9.06
N GLY A 189 -7.46 2.54 -8.65
CA GLY A 189 -8.49 1.91 -9.48
C GLY A 189 -8.79 2.63 -10.78
N GLY A 190 -8.59 3.95 -10.80
CA GLY A 190 -8.86 4.69 -12.02
C GLY A 190 -8.04 4.21 -13.19
N LEU A 191 -6.80 3.79 -12.92
CA LEU A 191 -5.94 3.24 -13.96
C LEU A 191 -5.96 1.73 -14.03
N GLU A 192 -6.18 1.03 -12.91
CA GLU A 192 -5.96 -0.40 -12.84
C GLU A 192 -7.20 -1.28 -12.80
N CYS A 193 -8.39 -0.72 -12.58
CA CYS A 193 -9.60 -1.50 -12.40
C CYS A 193 -10.58 -1.14 -13.51
N GLY A 194 -11.76 -1.74 -13.44
CA GLY A 194 -12.75 -1.55 -14.49
C GLY A 194 -12.20 -2.03 -15.82
N LYS A 195 -12.16 -1.12 -16.81
CA LYS A 195 -11.66 -1.44 -18.13
C LYS A 195 -10.20 -1.06 -18.35
N GLY A 196 -9.49 -0.65 -17.30
CA GLY A 196 -8.07 -0.45 -17.45
C GLY A 196 -7.35 -1.72 -17.84
N ASN A 197 -6.19 -1.56 -18.46
CA ASN A 197 -5.35 -2.72 -18.73
C ASN A 197 -5.12 -3.44 -17.41
N PRO A 198 -5.46 -4.72 -17.28
CA PRO A 198 -5.44 -5.34 -15.97
C PRO A 198 -4.11 -5.94 -15.54
N ALA A 199 -3.05 -5.69 -16.32
CA ALA A 199 -1.74 -6.26 -16.02
C ALA A 199 -1.29 -5.92 -14.61
N GLN A 200 -1.43 -4.65 -14.21
CA GLN A 200 -0.93 -4.22 -12.91
C GLN A 200 -1.75 -4.79 -11.75
N ALA A 201 -3.08 -4.77 -11.88
CA ALA A 201 -3.93 -5.37 -10.85
C ALA A 201 -3.63 -6.86 -10.69
N GLU A 202 -3.48 -7.56 -11.82
CA GLU A 202 -3.16 -8.97 -11.79
C GLU A 202 -1.85 -9.24 -11.06
N ASN A 203 -0.85 -8.38 -11.27
CA ASN A 203 0.40 -8.54 -10.56
C ASN A 203 0.20 -8.38 -9.05
N ARG A 204 -0.60 -7.39 -8.64
CA ARG A 204 -0.88 -7.25 -7.21
C ARG A 204 -1.52 -8.53 -6.66
N VAL A 205 -2.44 -9.15 -7.42
CA VAL A 205 -3.08 -10.40 -6.98
C VAL A 205 -2.05 -11.52 -6.87
N GLY A 206 -1.10 -11.58 -7.81
CA GLY A 206 -0.04 -12.58 -7.74
C GLY A 206 0.75 -12.48 -6.45
N PHE A 207 1.15 -11.27 -6.06
CA PHE A 207 1.85 -11.11 -4.79
C PHE A 207 0.97 -11.53 -3.61
N TYR A 208 -0.30 -11.11 -3.63
CA TYR A 208 -1.24 -11.41 -2.55
C TYR A 208 -1.40 -12.92 -2.38
N LYS A 209 -1.59 -13.65 -3.47
CA LYS A 209 -1.75 -15.09 -3.38
C LYS A 209 -0.48 -15.77 -2.86
N ARG A 210 0.70 -15.28 -3.27
N ARG A 210 0.68 -15.28 -3.27
CA ARG A 210 1.93 -15.85 -2.75
CA ARG A 210 1.91 -15.85 -2.75
C ARG A 210 2.03 -15.63 -1.25
C ARG A 210 2.03 -15.63 -1.25
N PHE A 211 1.76 -14.40 -0.79
CA PHE A 211 1.90 -14.11 0.63
C PHE A 211 0.85 -14.83 1.46
N CYS A 212 -0.39 -14.92 0.96
CA CYS A 212 -1.38 -15.74 1.65
C CYS A 212 -0.90 -17.18 1.78
N ASN A 213 -0.34 -17.74 0.71
CA ASN A 213 0.18 -19.10 0.79
C ASN A 213 1.25 -19.23 1.88
N GLN A 214 2.23 -18.30 1.92
CA GLN A 214 3.29 -18.35 2.92
C GLN A 214 2.74 -18.18 4.34
N LEU A 215 1.72 -17.35 4.52
CA LEU A 215 1.16 -17.13 5.84
C LEU A 215 0.15 -18.19 6.22
N GLY A 216 -0.22 -19.08 5.31
CA GLY A 216 -1.16 -20.15 5.58
C GLY A 216 -2.61 -19.71 5.73
N VAL A 217 -3.08 -18.87 4.80
CA VAL A 217 -4.45 -18.36 4.83
C VAL A 217 -5.01 -18.37 3.43
N SER A 218 -6.33 -18.58 3.33
CA SER A 218 -7.03 -18.46 2.07
C SER A 218 -7.09 -16.99 1.66
N PRO A 219 -6.94 -16.68 0.35
CA PRO A 219 -7.02 -15.28 -0.08
C PRO A 219 -8.40 -14.69 0.04
N GLY A 220 -9.45 -15.50 0.09
CA GLY A 220 -10.79 -15.00 0.15
C GLY A 220 -11.36 -14.70 -1.22
N SER A 221 -12.47 -13.99 -1.20
CA SER A 221 -13.27 -13.77 -2.40
C SER A 221 -13.01 -12.38 -2.97
N ASN A 222 -13.52 -12.17 -4.19
CA ASN A 222 -13.54 -10.84 -4.83
C ASN A 222 -12.11 -10.28 -4.99
N LEU A 223 -11.24 -11.08 -5.59
CA LEU A 223 -9.85 -10.68 -5.78
C LEU A 223 -9.64 -9.76 -6.97
N ASP A 224 -10.53 -9.82 -7.95
CA ASP A 224 -10.33 -9.22 -9.26
C ASP A 224 -11.12 -7.93 -9.34
N CYS A 225 -10.45 -6.84 -9.71
CA CYS A 225 -11.15 -5.57 -9.81
C CYS A 225 -11.50 -5.17 -11.24
N ALA A 226 -11.27 -6.05 -12.22
CA ALA A 226 -11.77 -5.79 -13.56
C ALA A 226 -13.30 -5.81 -13.59
N ASN A 227 -13.92 -6.53 -12.65
CA ASN A 227 -15.38 -6.64 -12.58
C ASN A 227 -16.02 -5.51 -11.77
N MET A 228 -15.38 -4.34 -11.71
CA MET A 228 -15.60 -3.39 -10.63
C MET A 228 -15.30 -1.99 -11.15
N ARG A 229 -16.18 -1.01 -10.82
N ARG A 229 -16.15 -1.03 -10.79
CA ARG A 229 -15.98 0.37 -11.26
CA ARG A 229 -15.97 0.34 -11.25
C ARG A 229 -15.21 1.16 -10.20
C ARG A 229 -15.22 1.16 -10.21
N PRO A 230 -14.25 2.00 -10.62
CA PRO A 230 -13.60 2.90 -9.65
C PRO A 230 -14.61 3.71 -8.85
N PHE A 231 -14.24 4.02 -7.61
CA PHE A 231 -15.08 4.86 -6.76
C PHE A 231 -15.28 6.21 -7.40
N GLY A 232 -16.49 6.77 -7.24
CA GLY A 232 -16.81 8.06 -7.82
C GLY A 232 -16.13 9.21 -7.10
#